data_9GW1
#
_entry.id   9GW1
#
_cell.length_a   1.00
_cell.length_b   1.00
_cell.length_c   1.00
_cell.angle_alpha   90.00
_cell.angle_beta   90.00
_cell.angle_gamma   90.00
#
_symmetry.space_group_name_H-M   'P 1'
#
loop_
_entity.id
_entity.type
_entity.pdbx_description
1 polymer 'Carboxysome shell vertex protein CsoS4A'
2 polymer 'Major carboxysome shell protein CsoS1A'
#
loop_
_entity_poly.entity_id
_entity_poly.type
_entity_poly.pdbx_seq_one_letter_code
_entity_poly.pdbx_strand_id
1 'polypeptide(L)'
;MKIMQVEKTLVSTNRIADMGHKPLLVVWEKPGAPRQVAVDAIGCIPGDWVLCVGSSAAREAAGSKSYPSDLTIIGIIDQW
NGE
;
4
2 'polypeptide(L)'
;MADVTGIALGMIETRGLVPAIEAADAMTKAAEVRLVGRQFVGGGYVTVLVRGETGAVNAAVRAGADACERVGDGLVAAHI
IARVHSEVENILPKAPQA
;
C,D,E
#
# COMPACT_ATOMS: atom_id res chain seq x y z
N MET A 1 8.03 26.93 -17.18
CA MET A 1 7.64 25.52 -17.23
C MET A 1 8.00 24.92 -18.59
N LYS A 2 7.80 23.61 -18.74
CA LYS A 2 8.37 22.90 -19.87
C LYS A 2 7.67 21.56 -19.99
N ILE A 3 7.05 21.30 -21.15
CA ILE A 3 6.20 20.13 -21.32
C ILE A 3 7.06 18.92 -21.68
N MET A 4 6.92 17.84 -20.91
CA MET A 4 7.68 16.62 -21.13
C MET A 4 6.77 15.41 -20.97
N GLN A 5 7.24 14.27 -21.46
CA GLN A 5 6.53 13.00 -21.38
C GLN A 5 7.32 12.03 -20.53
N VAL A 6 6.63 11.34 -19.61
CA VAL A 6 7.30 10.40 -18.72
C VAL A 6 7.67 9.15 -19.51
N GLU A 7 8.93 8.71 -19.34
CA GLU A 7 9.42 7.51 -20.03
C GLU A 7 9.42 6.29 -19.10
N LYS A 8 10.12 6.38 -17.97
CA LYS A 8 10.31 5.23 -17.11
C LYS A 8 10.71 5.71 -15.73
N THR A 9 10.66 4.80 -14.77
CA THR A 9 11.03 5.09 -13.39
C THR A 9 12.51 4.84 -13.19
N LEU A 10 13.17 5.76 -12.48
CA LEU A 10 14.59 5.68 -12.21
C LEU A 10 14.81 5.60 -10.71
N VAL A 11 15.62 4.64 -10.28
CA VAL A 11 15.87 4.41 -8.87
C VAL A 11 17.37 4.47 -8.61
N SER A 12 17.77 5.22 -7.60
CA SER A 12 19.17 5.35 -7.21
C SER A 12 19.27 5.07 -5.71
N THR A 13 19.94 3.97 -5.35
CA THR A 13 19.99 3.56 -3.95
C THR A 13 20.94 4.43 -3.14
N ASN A 14 22.05 4.86 -3.74
CA ASN A 14 23.06 5.63 -3.04
C ASN A 14 22.81 7.13 -3.11
N ARG A 15 21.58 7.55 -3.35
CA ARG A 15 21.26 8.97 -3.41
C ARG A 15 21.47 9.61 -2.04
N ILE A 16 21.77 10.91 -2.05
CA ILE A 16 22.08 11.60 -0.80
C ILE A 16 20.88 11.61 0.13
N ALA A 17 21.16 11.84 1.41
CA ALA A 17 20.14 11.68 2.45
C ALA A 17 19.02 12.69 2.30
N ASP A 18 19.35 13.96 2.01
CA ASP A 18 18.35 15.01 1.99
C ASP A 18 17.43 14.96 0.78
N MET A 19 17.61 13.98 -0.11
CA MET A 19 16.65 13.82 -1.21
C MET A 19 15.32 13.25 -0.74
N GLY A 20 15.23 12.78 0.50
CA GLY A 20 13.97 12.33 1.02
C GLY A 20 13.47 11.04 0.37
N HIS A 21 12.16 10.85 0.46
CA HIS A 21 11.50 9.67 -0.09
C HIS A 21 10.89 9.91 -1.46
N LYS A 22 11.09 11.10 -2.04
CA LYS A 22 10.43 11.42 -3.30
C LYS A 22 10.95 10.52 -4.42
N PRO A 23 10.09 10.09 -5.33
CA PRO A 23 10.53 9.25 -6.44
C PRO A 23 11.12 10.09 -7.57
N LEU A 24 11.75 9.41 -8.51
CA LEU A 24 12.35 10.03 -9.68
C LEU A 24 11.86 9.34 -10.93
N LEU A 25 11.58 10.15 -11.97
CA LEU A 25 11.16 9.63 -13.26
C LEU A 25 12.03 10.21 -14.35
N VAL A 26 12.18 9.45 -15.43
CA VAL A 26 12.92 9.90 -16.61
C VAL A 26 11.92 10.51 -17.58
N VAL A 27 12.13 11.77 -17.94
CA VAL A 27 11.20 12.51 -18.78
C VAL A 27 11.94 13.07 -19.98
N TRP A 28 11.31 13.02 -21.14
CA TRP A 28 11.83 13.61 -22.36
C TRP A 28 10.68 14.29 -23.11
N GLU A 29 11.04 15.25 -23.97
CA GLU A 29 10.03 15.87 -24.82
C GLU A 29 9.37 14.86 -25.75
N LYS A 30 10.16 14.02 -26.39
CA LYS A 30 9.63 13.08 -27.37
C LYS A 30 10.60 11.92 -27.49
N PRO A 31 10.15 10.76 -27.97
CA PRO A 31 11.07 9.64 -28.18
C PRO A 31 12.28 10.03 -29.03
N GLY A 32 13.47 9.86 -28.46
CA GLY A 32 14.72 10.23 -29.11
C GLY A 32 15.32 11.53 -28.60
N ALA A 33 14.54 12.34 -27.88
CA ALA A 33 15.06 13.56 -27.31
C ALA A 33 16.01 13.25 -26.16
N PRO A 34 16.88 14.19 -25.79
CA PRO A 34 17.73 13.98 -24.61
C PRO A 34 16.90 13.75 -23.36
N ARG A 35 17.36 12.84 -22.52
CA ARG A 35 16.62 12.39 -21.35
C ARG A 35 17.03 13.19 -20.12
N GLN A 36 16.05 13.52 -19.28
CA GLN A 36 16.27 14.22 -18.03
C GLN A 36 15.49 13.52 -16.93
N VAL A 37 15.97 13.67 -15.70
CA VAL A 37 15.35 13.06 -14.53
C VAL A 37 14.68 14.15 -13.71
N ALA A 38 13.41 13.94 -13.38
CA ALA A 38 12.62 14.93 -12.66
C ALA A 38 12.04 14.31 -11.40
N VAL A 39 12.06 15.10 -10.32
CA VAL A 39 11.44 14.65 -9.07
C VAL A 39 9.94 14.66 -9.23
N ASP A 40 9.30 13.55 -8.89
CA ASP A 40 7.86 13.40 -9.08
C ASP A 40 7.13 13.85 -7.83
N ALA A 41 6.36 14.94 -7.94
CA ALA A 41 5.56 15.46 -6.85
C ALA A 41 4.07 15.24 -7.05
N ILE A 42 3.66 14.59 -8.14
CA ILE A 42 2.26 14.37 -8.47
C ILE A 42 1.95 12.88 -8.57
N GLY A 43 2.77 12.13 -9.29
CA GLY A 43 2.50 10.72 -9.54
C GLY A 43 2.01 10.51 -10.96
N CYS A 44 2.89 10.04 -11.84
CA CYS A 44 2.59 9.92 -13.26
C CYS A 44 2.99 8.53 -13.75
N ILE A 45 2.08 7.86 -14.45
CA ILE A 45 2.38 6.60 -15.11
C ILE A 45 3.21 6.91 -16.35
N PRO A 46 4.04 5.98 -16.83
CA PRO A 46 4.80 6.24 -18.06
C PRO A 46 3.86 6.49 -19.24
N GLY A 47 4.22 7.47 -20.06
CA GLY A 47 3.46 7.75 -21.26
C GLY A 47 2.78 9.10 -21.29
N ASP A 48 2.27 9.55 -20.15
CA ASP A 48 1.48 10.78 -20.12
C ASP A 48 2.38 12.00 -20.23
N TRP A 49 1.75 13.14 -20.51
CA TRP A 49 2.44 14.41 -20.67
C TRP A 49 2.28 15.24 -19.41
N VAL A 50 3.39 15.76 -18.89
CA VAL A 50 3.41 16.42 -17.59
C VAL A 50 4.06 17.79 -17.72
N LEU A 51 3.83 18.62 -16.71
CA LEU A 51 4.43 19.94 -16.61
C LEU A 51 5.65 19.86 -15.71
N CYS A 52 6.79 20.31 -16.22
CA CYS A 52 8.05 20.26 -15.48
C CYS A 52 8.54 21.68 -15.26
N VAL A 53 8.84 22.01 -14.00
CA VAL A 53 9.38 23.31 -13.64
C VAL A 53 10.83 23.14 -13.24
N GLY A 54 11.62 24.18 -13.49
CA GLY A 54 13.05 24.15 -13.24
C GLY A 54 13.50 25.28 -12.32
N SER A 55 14.81 25.37 -12.17
CA SER A 55 15.45 26.42 -11.37
C SER A 55 15.00 26.37 -9.91
N SER A 56 15.05 27.50 -9.23
CA SER A 56 14.74 27.54 -7.81
C SER A 56 13.30 27.16 -7.50
N ALA A 57 12.40 27.30 -8.46
CA ALA A 57 11.00 26.94 -8.22
C ALA A 57 10.85 25.43 -8.02
N ALA A 58 11.71 24.63 -8.65
CA ALA A 58 11.61 23.19 -8.53
C ALA A 58 11.87 22.74 -7.10
N ARG A 59 12.71 23.46 -6.36
CA ARG A 59 12.98 23.11 -4.98
C ARG A 59 11.72 23.22 -4.13
N GLU A 60 10.98 24.33 -4.28
CA GLU A 60 9.72 24.48 -3.58
C GLU A 60 8.70 23.46 -4.06
N ALA A 61 8.66 23.21 -5.37
CA ALA A 61 7.73 22.22 -5.90
C ALA A 61 7.99 20.84 -5.31
N ALA A 62 9.26 20.53 -5.01
CA ALA A 62 9.57 19.26 -4.36
C ALA A 62 8.99 19.20 -2.96
N GLY A 63 9.03 20.30 -2.23
CA GLY A 63 8.41 20.35 -0.93
C GLY A 63 9.15 21.15 0.14
N SER A 64 10.37 21.58 -0.14
CA SER A 64 11.16 22.28 0.86
C SER A 64 11.90 23.44 0.24
N LYS A 65 12.24 24.42 1.08
CA LYS A 65 13.07 25.54 0.66
C LYS A 65 14.44 25.08 0.17
N SER A 66 14.93 23.97 0.71
CA SER A 66 16.29 23.52 0.44
C SER A 66 16.31 22.07 -0.02
N TYR A 67 15.37 21.70 -0.88
CA TYR A 67 15.39 20.35 -1.43
C TYR A 67 16.38 20.28 -2.59
N PRO A 68 17.27 19.29 -2.60
CA PRO A 68 18.23 19.19 -3.71
C PRO A 68 17.61 18.71 -5.00
N SER A 69 16.93 19.60 -5.71
CA SER A 69 16.33 19.25 -6.99
C SER A 69 16.37 20.47 -7.91
N ASP A 70 16.36 20.20 -9.22
CA ASP A 70 16.36 21.25 -10.21
C ASP A 70 15.30 21.07 -11.29
N LEU A 71 14.54 19.99 -11.24
CA LEU A 71 13.46 19.77 -12.21
C LEU A 71 12.40 18.94 -11.51
N THR A 72 11.23 19.53 -11.27
CA THR A 72 10.16 18.89 -10.53
C THR A 72 8.88 18.90 -11.37
N ILE A 73 8.17 17.77 -11.35
CA ILE A 73 6.88 17.67 -12.04
C ILE A 73 5.82 18.28 -11.15
N ILE A 74 5.06 19.24 -11.68
CA ILE A 74 4.07 19.97 -10.90
C ILE A 74 2.64 19.65 -11.29
N GLY A 75 2.42 18.94 -12.39
CA GLY A 75 1.06 18.61 -12.78
C GLY A 75 1.05 17.76 -14.03
N ILE A 76 -0.12 17.18 -14.30
CA ILE A 76 -0.34 16.33 -15.46
C ILE A 76 -1.27 17.08 -16.42
N ILE A 77 -0.83 17.21 -17.67
CA ILE A 77 -1.66 17.87 -18.67
C ILE A 77 -2.92 17.04 -18.90
N ASP A 78 -4.07 17.72 -18.88
CA ASP A 78 -5.34 17.04 -19.09
C ASP A 78 -5.40 16.43 -20.48
N GLN A 79 -5.39 17.28 -21.51
CA GLN A 79 -5.41 16.85 -22.90
C GLN A 79 -4.13 17.34 -23.58
N TRP A 80 -3.45 16.44 -24.28
CA TRP A 80 -2.25 16.82 -25.02
C TRP A 80 -1.97 15.75 -26.06
N ASN A 81 -1.42 16.19 -27.19
CA ASN A 81 -1.05 15.28 -28.26
C ASN A 81 0.45 15.06 -28.30
N GLY B 6 8.96 -32.80 14.79
CA GLY B 6 8.76 -31.92 15.93
C GLY B 6 7.30 -31.79 16.33
N ILE B 7 7.06 -31.62 17.62
CA ILE B 7 5.70 -31.48 18.14
C ILE B 7 5.47 -30.14 18.82
N ALA B 8 6.50 -29.47 19.31
CA ALA B 8 6.30 -28.21 20.02
C ALA B 8 5.66 -27.17 19.13
N LEU B 9 4.78 -26.37 19.72
CA LEU B 9 4.01 -25.36 19.00
C LEU B 9 4.42 -23.97 19.47
N GLY B 10 4.76 -23.10 18.54
CA GLY B 10 5.05 -21.71 18.84
C GLY B 10 4.08 -20.82 18.09
N MET B 11 3.65 -19.73 18.73
CA MET B 11 2.66 -18.85 18.14
C MET B 11 2.92 -17.42 18.57
N ILE B 12 2.70 -16.49 17.65
CA ILE B 12 2.71 -15.06 17.93
C ILE B 12 1.47 -14.42 17.34
N GLU B 13 0.83 -13.56 18.12
CA GLU B 13 -0.31 -12.76 17.67
C GLU B 13 0.14 -11.32 17.52
N THR B 14 -0.21 -10.69 16.41
CA THR B 14 0.16 -9.31 16.15
C THR B 14 -1.07 -8.53 15.71
N ARG B 15 -1.04 -7.22 15.96
CA ARG B 15 -2.14 -6.33 15.56
C ARG B 15 -1.86 -5.78 14.16
N GLY B 16 -1.96 -6.67 13.19
CA GLY B 16 -1.70 -6.32 11.81
C GLY B 16 -1.05 -7.48 11.08
N LEU B 17 -1.00 -7.35 9.77
CA LEU B 17 -0.44 -8.41 8.94
C LEU B 17 1.05 -8.23 8.70
N VAL B 18 1.51 -6.98 8.61
CA VAL B 18 2.94 -6.73 8.44
C VAL B 18 3.75 -7.24 9.64
N PRO B 19 3.39 -6.95 10.89
CA PRO B 19 4.14 -7.56 12.00
C PRO B 19 4.07 -9.07 12.00
N ALA B 20 2.95 -9.65 11.58
CA ALA B 20 2.85 -11.11 11.52
C ALA B 20 3.82 -11.68 10.49
N ILE B 21 3.90 -11.06 9.31
CA ILE B 21 4.83 -11.53 8.29
C ILE B 21 6.26 -11.39 8.78
N GLU B 22 6.59 -10.25 9.41
CA GLU B 22 7.93 -10.07 9.92
C GLU B 22 8.26 -11.10 10.99
N ALA B 23 7.31 -11.38 11.88
CA ALA B 23 7.54 -12.38 12.92
C ALA B 23 7.78 -13.74 12.31
N ALA B 24 6.96 -14.15 11.34
CA ALA B 24 7.13 -15.46 10.72
C ALA B 24 8.46 -15.55 9.99
N ASP B 25 8.85 -14.48 9.28
CA ASP B 25 10.10 -14.49 8.53
C ASP B 25 11.29 -14.60 9.47
N ALA B 26 11.32 -13.76 10.51
CA ALA B 26 12.42 -13.81 11.47
C ALA B 26 12.44 -15.16 12.19
N MET B 27 11.28 -15.73 12.47
CA MET B 27 11.20 -17.03 13.13
C MET B 27 11.84 -18.11 12.28
N THR B 28 11.41 -18.21 11.02
CA THR B 28 11.91 -19.26 10.15
C THR B 28 13.37 -19.07 9.82
N LYS B 29 13.84 -17.83 9.77
CA LYS B 29 15.27 -17.60 9.52
C LYS B 29 16.10 -17.92 10.75
N ALA B 30 15.59 -17.60 11.94
CA ALA B 30 16.38 -17.77 13.16
C ALA B 30 16.49 -19.24 13.54
N ALA B 31 15.41 -20.00 13.38
CA ALA B 31 15.45 -21.41 13.75
C ALA B 31 14.86 -22.25 12.62
N GLU B 32 15.30 -23.51 12.57
CA GLU B 32 14.84 -24.43 11.54
C GLU B 32 13.53 -25.06 11.98
N VAL B 33 12.47 -24.25 11.89
CA VAL B 33 11.12 -24.69 12.23
C VAL B 33 10.28 -24.71 10.97
N ARG B 34 9.04 -25.15 11.08
CA ARG B 34 8.14 -25.31 9.94
C ARG B 34 6.91 -24.46 10.16
N LEU B 35 6.71 -23.47 9.30
CA LEU B 35 5.53 -22.61 9.40
C LEU B 35 4.30 -23.39 8.94
N VAL B 36 3.28 -23.44 9.80
CA VAL B 36 2.11 -24.29 9.54
C VAL B 36 0.84 -23.50 9.27
N GLY B 37 0.82 -22.20 9.55
CA GLY B 37 -0.39 -21.45 9.26
C GLY B 37 -0.42 -20.01 9.71
N ARG B 38 -1.07 -19.17 8.91
CA ARG B 38 -1.35 -17.78 9.26
C ARG B 38 -2.86 -17.63 9.33
N GLN B 39 -3.36 -17.16 10.47
CA GLN B 39 -4.79 -17.09 10.73
C GLN B 39 -5.22 -15.66 10.96
N PHE B 40 -6.28 -15.23 10.28
CA PHE B 40 -6.88 -13.92 10.51
C PHE B 40 -7.96 -14.08 11.56
N VAL B 41 -7.64 -13.71 12.80
CA VAL B 41 -8.57 -13.88 13.90
C VAL B 41 -9.79 -12.98 13.72
N GLY B 42 -9.58 -11.79 13.17
CA GLY B 42 -10.66 -10.82 13.05
C GLY B 42 -10.49 -9.72 14.07
N GLY B 43 -10.80 -8.48 13.67
CA GLY B 43 -10.55 -7.34 14.54
C GLY B 43 -9.13 -6.83 14.50
N GLY B 44 -8.31 -7.33 13.59
CA GLY B 44 -6.94 -6.89 13.42
C GLY B 44 -5.91 -7.91 13.87
N TYR B 45 -6.28 -8.85 14.72
CA TYR B 45 -5.31 -9.84 15.19
C TYR B 45 -4.94 -10.81 14.07
N VAL B 46 -3.65 -11.09 13.95
CA VAL B 46 -3.14 -12.10 13.02
C VAL B 46 -2.21 -13.01 13.79
N THR B 47 -2.34 -14.32 13.58
CA THR B 47 -1.56 -15.31 14.29
C THR B 47 -0.75 -16.15 13.31
N VAL B 48 0.47 -16.52 13.72
CA VAL B 48 1.34 -17.40 12.97
C VAL B 48 1.75 -18.55 13.87
N LEU B 49 1.79 -19.75 13.31
CA LEU B 49 2.06 -20.96 14.08
C LEU B 49 3.17 -21.76 13.42
N VAL B 50 3.99 -22.41 14.25
CA VAL B 50 5.08 -23.24 13.77
C VAL B 50 5.14 -24.53 14.57
N ARG B 51 5.83 -25.52 14.01
CA ARG B 51 6.08 -26.78 14.67
C ARG B 51 7.57 -27.13 14.55
N GLY B 52 8.06 -27.86 15.53
CA GLY B 52 9.46 -28.26 15.52
C GLY B 52 9.88 -28.76 16.88
N GLU B 53 11.19 -28.89 17.05
CA GLU B 53 11.74 -29.30 18.33
C GLU B 53 11.54 -28.19 19.36
N THR B 54 11.67 -28.55 20.64
CA THR B 54 11.40 -27.59 21.71
C THR B 54 12.39 -26.44 21.68
N GLY B 55 13.69 -26.76 21.60
CA GLY B 55 14.69 -25.70 21.59
C GLY B 55 14.59 -24.82 20.36
N ALA B 56 14.40 -25.42 19.19
CA ALA B 56 14.25 -24.65 17.96
C ALA B 56 13.03 -23.75 18.03
N VAL B 57 11.91 -24.27 18.53
CA VAL B 57 10.70 -23.46 18.64
C VAL B 57 10.91 -22.31 19.61
N ASN B 58 11.58 -22.57 20.73
CA ASN B 58 11.85 -21.51 21.70
C ASN B 58 12.69 -20.40 21.08
N ALA B 59 13.77 -20.78 20.39
CA ALA B 59 14.62 -19.78 19.76
C ALA B 59 13.86 -18.99 18.71
N ALA B 60 13.07 -19.69 17.88
CA ALA B 60 12.32 -19.02 16.83
C ALA B 60 11.33 -18.04 17.42
N VAL B 61 10.59 -18.45 18.44
CA VAL B 61 9.57 -17.58 19.01
C VAL B 61 10.21 -16.37 19.68
N ARG B 62 11.34 -16.57 20.38
CA ARG B 62 12.02 -15.43 20.98
C ARG B 62 12.48 -14.44 19.91
N ALA B 63 13.07 -14.94 18.82
CA ALA B 63 13.52 -14.05 17.76
C ALA B 63 12.35 -13.32 17.12
N GLY B 64 11.24 -14.02 16.88
CA GLY B 64 10.09 -13.38 16.26
C GLY B 64 9.47 -12.32 17.14
N ALA B 65 9.34 -12.61 18.44
CA ALA B 65 8.80 -11.63 19.37
C ALA B 65 9.71 -10.42 19.53
N ASP B 66 11.03 -10.60 19.41
CA ASP B 66 11.93 -9.45 19.42
C ASP B 66 11.96 -8.70 18.10
N ALA B 67 11.65 -9.35 16.99
CA ALA B 67 11.69 -8.68 15.70
C ALA B 67 10.40 -7.97 15.34
N CYS B 68 9.25 -8.44 15.85
CA CYS B 68 7.97 -7.83 15.55
C CYS B 68 7.54 -6.81 16.60
N GLU B 69 8.41 -6.53 17.58
CA GLU B 69 8.02 -5.67 18.70
C GLU B 69 7.70 -4.24 18.24
N ARG B 70 8.54 -3.69 17.36
CA ARG B 70 8.36 -2.31 16.93
C ARG B 70 7.69 -2.16 15.58
N VAL B 71 7.76 -3.18 14.73
CA VAL B 71 7.17 -3.08 13.39
C VAL B 71 5.66 -3.07 13.51
N GLY B 72 5.02 -2.12 12.85
CA GLY B 72 3.58 -2.07 12.84
C GLY B 72 3.01 -1.65 14.19
N ASP B 73 1.78 -2.09 14.44
CA ASP B 73 1.10 -1.73 15.68
C ASP B 73 1.72 -2.42 16.89
N GLY B 74 2.45 -3.53 16.70
CA GLY B 74 3.22 -4.09 17.77
C GLY B 74 2.92 -5.56 17.97
N LEU B 75 3.24 -6.04 19.16
CA LEU B 75 3.12 -7.43 19.54
C LEU B 75 2.00 -7.61 20.55
N VAL B 76 1.20 -8.65 20.36
CA VAL B 76 0.11 -8.97 21.28
C VAL B 76 0.52 -10.07 22.26
N ALA B 77 0.97 -11.21 21.75
CA ALA B 77 1.34 -12.32 22.61
C ALA B 77 2.32 -13.23 21.89
N ALA B 78 3.10 -13.96 22.68
CA ALA B 78 4.04 -14.95 22.16
C ALA B 78 4.10 -16.10 23.15
N HIS B 79 3.76 -17.31 22.68
CA HIS B 79 3.64 -18.46 23.57
C HIS B 79 4.33 -19.66 22.96
N ILE B 80 4.74 -20.58 23.83
CA ILE B 80 5.35 -21.84 23.44
C ILE B 80 4.68 -22.96 24.20
N ILE B 81 4.29 -24.02 23.51
CA ILE B 81 3.78 -25.23 24.12
C ILE B 81 4.70 -26.37 23.74
N ALA B 82 5.29 -27.03 24.76
CA ALA B 82 6.28 -28.06 24.49
C ALA B 82 5.66 -29.29 23.87
N ARG B 83 4.57 -29.78 24.46
CA ARG B 83 3.87 -30.96 23.94
C ARG B 83 2.37 -30.66 24.00
N VAL B 84 1.79 -30.33 22.86
CA VAL B 84 0.37 -29.99 22.82
C VAL B 84 -0.45 -31.28 22.81
N HIS B 85 -1.63 -31.21 23.41
CA HIS B 85 -2.49 -32.38 23.52
C HIS B 85 -2.98 -32.81 22.15
N SER B 86 -3.25 -34.12 22.01
CA SER B 86 -3.69 -34.66 20.73
C SER B 86 -5.00 -34.04 20.27
N GLU B 87 -5.81 -33.55 21.22
CA GLU B 87 -7.09 -32.96 20.85
C GLU B 87 -6.90 -31.64 20.09
N VAL B 88 -5.88 -30.87 20.46
CA VAL B 88 -5.65 -29.58 19.84
C VAL B 88 -5.18 -29.69 18.39
N GLU B 89 -4.66 -30.86 18.00
CA GLU B 89 -4.32 -31.09 16.59
C GLU B 89 -5.52 -30.91 15.68
N ASN B 90 -6.73 -31.15 16.19
CA ASN B 90 -7.92 -31.02 15.36
C ASN B 90 -8.14 -29.58 14.92
N ILE B 91 -7.84 -28.62 15.79
CA ILE B 91 -8.02 -27.21 15.43
C ILE B 91 -6.73 -26.57 14.94
N LEU B 92 -5.59 -27.21 15.14
CA LEU B 92 -4.33 -26.67 14.61
C LEU B 92 -4.23 -26.93 13.12
N PRO B 93 -4.02 -25.91 12.29
CA PRO B 93 -3.85 -26.15 10.85
C PRO B 93 -2.56 -26.91 10.56
N LYS B 94 -2.59 -27.67 9.47
CA LYS B 94 -1.42 -28.44 9.04
C LYS B 94 -0.60 -27.69 8.00
N ALA B 95 -1.26 -26.96 7.10
CA ALA B 95 -0.60 -26.17 6.07
C ALA B 95 -1.29 -24.83 5.96
N PRO B 96 -0.58 -23.78 5.53
CA PRO B 96 -1.21 -22.46 5.39
C PRO B 96 -1.86 -22.27 4.03
N VAL C 4 -19.45 6.96 -20.38
CA VAL C 4 -18.40 7.76 -19.77
C VAL C 4 -17.05 7.10 -19.99
N THR C 5 -16.02 7.92 -20.20
CA THR C 5 -14.65 7.45 -20.41
C THR C 5 -13.77 8.02 -19.30
N GLY C 6 -12.47 7.81 -19.44
CA GLY C 6 -11.51 8.33 -18.50
C GLY C 6 -11.00 7.27 -17.54
N ILE C 7 -9.84 7.55 -16.95
CA ILE C 7 -9.17 6.63 -16.06
C ILE C 7 -8.99 7.20 -14.66
N ALA C 8 -9.35 8.46 -14.43
CA ALA C 8 -9.20 9.05 -13.11
C ALA C 8 -10.09 8.33 -12.11
N LEU C 9 -9.62 8.26 -10.88
CA LEU C 9 -10.29 7.52 -9.81
C LEU C 9 -10.54 8.44 -8.63
N GLY C 10 -11.77 8.43 -8.12
CA GLY C 10 -12.10 9.18 -6.93
C GLY C 10 -12.57 8.27 -5.81
N MET C 11 -12.00 8.45 -4.61
CA MET C 11 -12.26 7.58 -3.48
C MET C 11 -12.83 8.39 -2.33
N ILE C 12 -13.88 7.86 -1.70
CA ILE C 12 -14.43 8.43 -0.48
C ILE C 12 -14.64 7.31 0.52
N GLU C 13 -14.10 7.47 1.72
CA GLU C 13 -14.21 6.49 2.79
C GLU C 13 -15.04 7.07 3.92
N THR C 14 -16.08 6.34 4.33
CA THR C 14 -16.97 6.77 5.39
C THR C 14 -17.11 5.66 6.42
N ARG C 15 -17.40 6.05 7.66
CA ARG C 15 -17.64 5.10 8.73
C ARG C 15 -19.12 4.76 8.74
N GLY C 16 -19.48 3.66 8.11
CA GLY C 16 -20.86 3.24 7.97
C GLY C 16 -21.29 3.21 6.51
N LEU C 17 -22.51 2.74 6.32
CA LEU C 17 -23.07 2.60 4.97
C LEU C 17 -23.95 3.78 4.56
N VAL C 18 -24.67 4.39 5.51
CA VAL C 18 -25.51 5.53 5.16
C VAL C 18 -24.70 6.71 4.62
N PRO C 19 -23.63 7.16 5.29
CA PRO C 19 -22.81 8.22 4.68
C PRO C 19 -22.18 7.82 3.35
N ALA C 20 -21.82 6.54 3.19
CA ALA C 20 -21.24 6.11 1.93
C ALA C 20 -22.27 6.21 0.80
N ILE C 21 -23.50 5.77 1.06
CA ILE C 21 -24.54 5.87 0.04
C ILE C 21 -24.84 7.34 -0.27
N GLU C 22 -24.90 8.18 0.76
CA GLU C 22 -25.13 9.60 0.54
C GLU C 22 -24.02 10.20 -0.32
N ALA C 23 -22.77 9.85 -0.03
CA ALA C 23 -21.64 10.37 -0.79
C ALA C 23 -21.70 9.90 -2.24
N ALA C 24 -22.03 8.63 -2.46
CA ALA C 24 -22.12 8.12 -3.83
C ALA C 24 -23.21 8.83 -4.60
N ASP C 25 -24.38 9.02 -3.99
CA ASP C 25 -25.46 9.73 -4.66
C ASP C 25 -25.06 11.17 -4.97
N ALA C 26 -24.42 11.85 -4.01
CA ALA C 26 -24.00 13.23 -4.23
C ALA C 26 -22.98 13.31 -5.35
N MET C 27 -22.01 12.40 -5.38
CA MET C 27 -21.01 12.41 -6.44
C MET C 27 -21.65 12.23 -7.80
N THR C 28 -22.48 11.17 -7.94
CA THR C 28 -23.10 10.87 -9.22
C THR C 28 -24.04 11.97 -9.68
N LYS C 29 -24.70 12.66 -8.75
CA LYS C 29 -25.56 13.77 -9.15
C LYS C 29 -24.76 15.01 -9.51
N ALA C 30 -23.66 15.26 -8.80
CA ALA C 30 -22.90 16.48 -9.01
C ALA C 30 -22.12 16.45 -10.32
N ALA C 31 -21.46 15.34 -10.62
CA ALA C 31 -20.62 15.27 -11.80
C ALA C 31 -21.02 14.11 -12.69
N GLU C 32 -20.33 13.99 -13.82
CA GLU C 32 -20.56 12.91 -14.77
C GLU C 32 -19.47 11.87 -14.55
N VAL C 33 -19.71 10.97 -13.60
CA VAL C 33 -18.77 9.94 -13.21
C VAL C 33 -19.46 8.59 -13.29
N ARG C 34 -18.72 7.54 -12.92
CA ARG C 34 -19.21 6.17 -12.97
C ARG C 34 -18.98 5.52 -11.61
N LEU C 35 -20.04 4.99 -11.01
CA LEU C 35 -19.91 4.24 -9.77
C LEU C 35 -19.44 2.83 -10.11
N VAL C 36 -18.17 2.55 -9.85
CA VAL C 36 -17.58 1.27 -10.24
C VAL C 36 -17.50 0.29 -9.08
N GLY C 37 -17.87 0.69 -7.88
CA GLY C 37 -17.88 -0.27 -6.79
C GLY C 37 -18.03 0.29 -5.40
N ARG C 38 -18.57 -0.53 -4.50
CA ARG C 38 -18.66 -0.24 -3.08
C ARG C 38 -17.99 -1.38 -2.32
N GLN C 39 -17.11 -1.05 -1.39
CA GLN C 39 -16.30 -2.04 -0.68
C GLN C 39 -16.53 -1.92 0.81
N PHE C 40 -16.75 -3.06 1.47
CA PHE C 40 -16.82 -3.11 2.92
C PHE C 40 -15.43 -3.47 3.42
N VAL C 41 -14.70 -2.48 3.92
CA VAL C 41 -13.33 -2.71 4.36
C VAL C 41 -13.29 -3.61 5.57
N GLY C 42 -14.20 -3.41 6.51
CA GLY C 42 -14.18 -4.13 7.77
C GLY C 42 -13.87 -3.16 8.89
N GLY C 43 -14.55 -3.36 10.02
CA GLY C 43 -14.44 -2.42 11.11
C GLY C 43 -15.30 -1.18 10.96
N GLY C 44 -16.18 -1.16 9.96
CA GLY C 44 -17.08 -0.05 9.73
C GLY C 44 -16.74 0.80 8.53
N TYR C 45 -15.50 0.76 8.07
CA TYR C 45 -15.11 1.54 6.90
C TYR C 45 -15.80 1.03 5.65
N VAL C 46 -16.32 1.96 4.86
CA VAL C 46 -16.94 1.65 3.58
C VAL C 46 -16.37 2.60 2.54
N THR C 47 -15.96 2.06 1.39
CA THR C 47 -15.30 2.84 0.36
C THR C 47 -16.11 2.81 -0.93
N VAL C 48 -16.30 3.97 -1.54
CA VAL C 48 -16.97 4.09 -2.82
C VAL C 48 -15.97 4.66 -3.83
N LEU C 49 -15.99 4.11 -5.04
CA LEU C 49 -15.04 4.48 -6.07
C LEU C 49 -15.79 5.01 -7.29
N VAL C 50 -15.25 6.06 -7.90
CA VAL C 50 -15.83 6.66 -9.10
C VAL C 50 -14.73 6.82 -10.14
N ARG C 51 -15.11 6.70 -11.41
CA ARG C 51 -14.19 6.86 -12.53
C ARG C 51 -14.74 7.88 -13.50
N GLY C 52 -13.83 8.55 -14.20
CA GLY C 52 -14.23 9.54 -15.18
C GLY C 52 -13.06 10.45 -15.53
N GLU C 53 -13.39 11.60 -16.11
CA GLU C 53 -12.38 12.60 -16.41
C GLU C 53 -11.82 13.19 -15.12
N THR C 54 -10.67 13.84 -15.25
CA THR C 54 -9.99 14.38 -14.06
C THR C 54 -10.82 15.48 -13.40
N GLY C 55 -11.29 16.45 -14.19
CA GLY C 55 -12.07 17.53 -13.62
C GLY C 55 -13.41 17.07 -13.11
N ALA C 56 -14.06 16.16 -13.83
CA ALA C 56 -15.33 15.60 -13.37
C ALA C 56 -15.15 14.87 -12.05
N VAL C 57 -14.08 14.07 -11.93
CA VAL C 57 -13.82 13.36 -10.69
C VAL C 57 -13.52 14.35 -9.57
N ASN C 58 -12.81 15.44 -9.89
CA ASN C 58 -12.52 16.45 -8.87
C ASN C 58 -13.80 17.04 -8.32
N ALA C 59 -14.69 17.50 -9.21
CA ALA C 59 -15.96 18.08 -8.76
C ALA C 59 -16.78 17.06 -7.99
N ALA C 60 -16.84 15.82 -8.49
CA ALA C 60 -17.62 14.79 -7.83
C ALA C 60 -17.12 14.53 -6.42
N VAL C 61 -15.81 14.37 -6.26
CA VAL C 61 -15.27 14.05 -4.95
C VAL C 61 -15.46 15.21 -3.99
N ARG C 62 -15.24 16.45 -4.45
CA ARG C 62 -15.47 17.59 -3.58
C ARG C 62 -16.91 17.63 -3.09
N ALA C 63 -17.87 17.50 -4.03
CA ALA C 63 -19.26 17.56 -3.65
C ALA C 63 -19.64 16.41 -2.72
N GLY C 64 -19.14 15.21 -2.99
CA GLY C 64 -19.47 14.07 -2.15
C GLY C 64 -18.94 14.21 -0.74
N ALA C 65 -17.69 14.67 -0.61
CA ALA C 65 -17.14 14.89 0.72
C ALA C 65 -17.94 15.95 1.47
N ASP C 66 -18.27 17.05 0.79
CA ASP C 66 -19.04 18.11 1.44
C ASP C 66 -20.39 17.61 1.89
N ALA C 67 -21.04 16.76 1.08
CA ALA C 67 -22.38 16.29 1.42
C ALA C 67 -22.34 15.26 2.54
N CYS C 68 -21.38 14.35 2.52
CA CYS C 68 -21.36 13.25 3.47
C CYS C 68 -20.56 13.55 4.73
N GLU C 69 -19.96 14.74 4.85
CA GLU C 69 -19.14 15.03 6.01
C GLU C 69 -19.94 15.06 7.31
N ARG C 70 -21.26 15.20 7.25
CA ARG C 70 -22.07 15.35 8.45
C ARG C 70 -22.97 14.16 8.74
N VAL C 71 -23.51 13.50 7.72
CA VAL C 71 -24.46 12.41 7.94
C VAL C 71 -23.74 11.22 8.56
N GLY C 72 -24.35 10.63 9.58
CA GLY C 72 -23.81 9.42 10.18
C GLY C 72 -22.54 9.68 10.98
N ASP C 73 -21.71 8.64 11.07
CA ASP C 73 -20.46 8.76 11.81
C ASP C 73 -19.52 9.76 11.16
N GLY C 74 -19.66 10.00 9.86
CA GLY C 74 -18.89 11.04 9.22
C GLY C 74 -18.05 10.57 8.04
N LEU C 75 -17.06 11.38 7.69
CA LEU C 75 -16.20 11.13 6.54
C LEU C 75 -14.80 10.85 7.02
N VAL C 76 -14.17 9.82 6.46
CA VAL C 76 -12.83 9.41 6.85
C VAL C 76 -11.78 9.93 5.87
N ALA C 77 -11.99 9.72 4.57
CA ALA C 77 -11.00 10.10 3.59
C ALA C 77 -11.69 10.43 2.26
N ALA C 78 -11.07 11.33 1.51
CA ALA C 78 -11.56 11.70 0.18
C ALA C 78 -10.33 12.01 -0.67
N HIS C 79 -9.95 11.08 -1.54
CA HIS C 79 -8.73 11.19 -2.32
C HIS C 79 -9.04 11.07 -3.81
N ILE C 80 -8.13 11.61 -4.61
CA ILE C 80 -8.29 11.69 -6.06
C ILE C 80 -7.00 11.23 -6.71
N ILE C 81 -7.11 10.47 -7.78
CA ILE C 81 -5.96 9.94 -8.49
C ILE C 81 -6.15 10.25 -9.97
N ALA C 82 -5.20 11.00 -10.55
CA ALA C 82 -5.35 11.44 -11.93
C ALA C 82 -5.22 10.27 -12.89
N ARG C 83 -4.07 9.60 -12.88
CA ARG C 83 -3.84 8.40 -13.67
C ARG C 83 -3.55 7.24 -12.73
N VAL C 84 -4.24 6.12 -12.95
CA VAL C 84 -4.06 4.94 -12.12
C VAL C 84 -3.14 3.97 -12.83
N HIS C 85 -2.17 3.45 -12.09
CA HIS C 85 -1.24 2.48 -12.67
C HIS C 85 -1.98 1.22 -13.10
N SER C 86 -1.46 0.57 -14.14
CA SER C 86 -2.11 -0.62 -14.66
C SER C 86 -2.17 -1.73 -13.63
N GLU C 87 -1.18 -1.82 -12.74
CA GLU C 87 -1.19 -2.85 -11.70
C GLU C 87 -2.32 -2.63 -10.70
N VAL C 88 -2.58 -1.37 -10.34
CA VAL C 88 -3.65 -1.08 -9.40
C VAL C 88 -5.02 -1.43 -9.98
N GLU C 89 -5.15 -1.44 -11.31
CA GLU C 89 -6.43 -1.80 -11.92
C GLU C 89 -6.83 -3.23 -11.59
N ASN C 90 -5.87 -4.09 -11.25
CA ASN C 90 -6.21 -5.44 -10.82
C ASN C 90 -7.02 -5.43 -9.54
N ILE C 91 -6.62 -4.60 -8.58
CA ILE C 91 -7.32 -4.55 -7.30
C ILE C 91 -8.51 -3.60 -7.32
N LEU C 92 -8.57 -2.68 -8.29
CA LEU C 92 -9.75 -1.82 -8.42
C LEU C 92 -10.88 -2.60 -9.08
N PRO C 93 -12.05 -2.67 -8.46
CA PRO C 93 -13.16 -3.39 -9.08
C PRO C 93 -13.65 -2.71 -10.34
N LYS C 94 -14.21 -3.51 -11.25
CA LYS C 94 -14.70 -3.01 -12.52
C LYS C 94 -16.17 -2.58 -12.43
N ALA C 95 -17.01 -3.38 -11.79
CA ALA C 95 -18.43 -3.10 -11.66
C ALA C 95 -18.88 -3.50 -10.26
N PRO C 96 -19.93 -2.85 -9.73
CA PRO C 96 -20.47 -3.21 -8.42
C PRO C 96 -21.55 -4.28 -8.49
N GLY D 6 13.47 -10.60 -8.71
CA GLY D 6 12.29 -10.18 -7.97
C GLY D 6 11.98 -11.07 -6.78
N ILE D 7 12.72 -10.86 -5.70
CA ILE D 7 12.54 -11.64 -4.48
C ILE D 7 12.24 -10.79 -3.25
N ALA D 8 12.63 -9.53 -3.23
CA ALA D 8 12.34 -8.68 -2.08
C ALA D 8 10.84 -8.44 -1.98
N LEU D 9 10.37 -8.26 -0.74
CA LEU D 9 8.96 -8.08 -0.47
C LEU D 9 8.76 -6.75 0.27
N GLY D 10 7.81 -5.95 -0.22
CA GLY D 10 7.47 -4.67 0.40
C GLY D 10 6.09 -4.75 1.01
N MET D 11 5.93 -4.10 2.16
CA MET D 11 4.70 -4.15 2.92
C MET D 11 4.29 -2.76 3.38
N ILE D 12 3.01 -2.44 3.23
CA ILE D 12 2.44 -1.22 3.78
C ILE D 12 1.06 -1.56 4.35
N GLU D 13 0.79 -1.09 5.56
CA GLU D 13 -0.49 -1.29 6.23
C GLU D 13 -1.12 0.04 6.54
N THR D 14 -2.41 0.16 6.30
CA THR D 14 -3.13 1.41 6.48
C THR D 14 -4.48 1.14 7.13
N ARG D 15 -5.01 2.16 7.80
CA ARG D 15 -6.34 2.08 8.42
C ARG D 15 -7.35 2.61 7.41
N GLY D 16 -7.88 1.71 6.60
CA GLY D 16 -8.80 2.06 5.53
C GLY D 16 -8.29 1.65 4.18
N LEU D 17 -9.19 1.68 3.20
CA LEU D 17 -8.86 1.20 1.86
C LEU D 17 -8.37 2.32 0.96
N VAL D 18 -8.82 3.56 1.21
CA VAL D 18 -8.33 4.69 0.41
C VAL D 18 -6.82 4.91 0.59
N PRO D 19 -6.29 5.00 1.81
CA PRO D 19 -4.83 5.11 1.92
C PRO D 19 -4.10 3.92 1.35
N ALA D 20 -4.69 2.72 1.44
CA ALA D 20 -4.04 1.55 0.85
C ALA D 20 -3.93 1.68 -0.67
N ILE D 21 -5.02 2.11 -1.32
CA ILE D 21 -4.95 2.29 -2.77
C ILE D 21 -3.95 3.36 -3.12
N GLU D 22 -3.94 4.47 -2.36
CA GLU D 22 -2.99 5.53 -2.65
C GLU D 22 -1.56 5.04 -2.50
N ALA D 23 -1.28 4.26 -1.45
CA ALA D 23 0.05 3.72 -1.24
C ALA D 23 0.45 2.79 -2.37
N ALA D 24 -0.47 1.90 -2.79
CA ALA D 24 -0.15 0.97 -3.85
C ALA D 24 0.17 1.71 -5.14
N ASP D 25 -0.64 2.72 -5.48
CA ASP D 25 -0.37 3.51 -6.68
C ASP D 25 0.97 4.21 -6.56
N ALA D 26 1.26 4.79 -5.40
CA ALA D 26 2.51 5.53 -5.24
C ALA D 26 3.72 4.61 -5.42
N MET D 27 3.68 3.42 -4.81
CA MET D 27 4.79 2.48 -4.95
C MET D 27 4.94 2.02 -6.40
N THR D 28 3.83 1.65 -7.03
CA THR D 28 3.90 1.15 -8.40
C THR D 28 4.40 2.22 -9.36
N LYS D 29 4.04 3.48 -9.12
CA LYS D 29 4.53 4.57 -9.95
C LYS D 29 5.98 4.89 -9.65
N ALA D 30 6.41 4.72 -8.40
CA ALA D 30 7.77 5.11 -8.01
C ALA D 30 8.80 4.12 -8.54
N ALA D 31 8.51 2.83 -8.47
CA ALA D 31 9.51 1.84 -8.86
C ALA D 31 8.89 0.75 -9.73
N GLU D 32 9.77 -0.08 -10.29
CA GLU D 32 9.36 -1.19 -11.13
C GLU D 32 9.14 -2.40 -10.22
N VAL D 33 7.92 -2.52 -9.69
CA VAL D 33 7.55 -3.60 -8.81
C VAL D 33 6.20 -4.14 -9.26
N ARG D 34 5.90 -5.36 -8.83
CA ARG D 34 4.63 -6.01 -9.14
C ARG D 34 3.79 -6.08 -7.87
N LEU D 35 2.59 -5.52 -7.92
CA LEU D 35 1.65 -5.60 -6.81
C LEU D 35 1.06 -7.01 -6.79
N VAL D 36 1.28 -7.74 -5.70
CA VAL D 36 0.87 -9.14 -5.66
C VAL D 36 -0.41 -9.31 -4.85
N GLY D 37 -0.59 -8.51 -3.82
CA GLY D 37 -1.74 -8.73 -2.96
C GLY D 37 -2.26 -7.54 -2.19
N ARG D 38 -3.58 -7.39 -2.17
CA ARG D 38 -4.29 -6.46 -1.30
C ARG D 38 -5.10 -7.29 -0.33
N GLN D 39 -4.76 -7.21 0.96
CA GLN D 39 -5.35 -8.08 1.97
C GLN D 39 -6.22 -7.27 2.92
N PHE D 40 -7.45 -7.73 3.13
CA PHE D 40 -8.34 -7.14 4.12
C PHE D 40 -8.14 -7.88 5.43
N VAL D 41 -7.30 -7.32 6.31
CA VAL D 41 -7.00 -7.99 7.58
C VAL D 41 -8.24 -8.05 8.46
N GLY D 42 -9.07 -7.02 8.43
CA GLY D 42 -10.23 -6.96 9.29
C GLY D 42 -10.02 -5.98 10.42
N GLY D 43 -11.07 -5.26 10.80
CA GLY D 43 -10.92 -4.21 11.77
C GLY D 43 -10.39 -2.91 11.22
N GLY D 44 -10.36 -2.75 9.90
CA GLY D 44 -9.90 -1.54 9.27
C GLY D 44 -8.50 -1.60 8.69
N TYR D 45 -7.80 -2.70 8.86
CA TYR D 45 -6.43 -2.82 8.36
C TYR D 45 -6.44 -3.35 6.93
N VAL D 46 -5.74 -2.66 6.05
CA VAL D 46 -5.54 -3.11 4.67
C VAL D 46 -4.05 -3.14 4.40
N THR D 47 -3.57 -4.25 3.85
CA THR D 47 -2.16 -4.46 3.57
C THR D 47 -1.95 -4.66 2.09
N VAL D 48 -0.90 -4.04 1.55
CA VAL D 48 -0.54 -4.16 0.14
C VAL D 48 0.87 -4.72 0.07
N LEU D 49 1.08 -5.69 -0.81
CA LEU D 49 2.34 -6.39 -0.94
C LEU D 49 2.89 -6.22 -2.35
N VAL D 50 4.22 -6.11 -2.45
CA VAL D 50 4.88 -5.99 -3.75
C VAL D 50 6.13 -6.87 -3.75
N ARG D 51 6.56 -7.23 -4.96
CA ARG D 51 7.77 -8.02 -5.15
C ARG D 51 8.64 -7.36 -6.21
N GLY D 52 9.95 -7.49 -6.05
CA GLY D 52 10.87 -6.93 -7.02
C GLY D 52 12.29 -6.96 -6.49
N GLU D 53 13.18 -6.32 -7.23
CA GLU D 53 14.57 -6.22 -6.81
C GLU D 53 14.65 -5.35 -5.56
N THR D 54 15.69 -5.59 -4.75
CA THR D 54 15.73 -5.04 -3.40
C THR D 54 15.67 -3.51 -3.39
N GLY D 55 16.53 -2.87 -4.18
CA GLY D 55 16.56 -1.41 -4.18
C GLY D 55 15.27 -0.81 -4.71
N ALA D 56 14.70 -1.41 -5.76
CA ALA D 56 13.44 -0.92 -6.29
C ALA D 56 12.33 -1.03 -5.26
N VAL D 57 12.27 -2.17 -4.55
CA VAL D 57 11.24 -2.35 -3.54
C VAL D 57 11.43 -1.35 -2.41
N ASN D 58 12.67 -1.10 -2.01
CA ASN D 58 12.94 -0.12 -0.96
C ASN D 58 12.46 1.27 -1.37
N ALA D 59 12.81 1.68 -2.59
CA ALA D 59 12.38 3.00 -3.06
C ALA D 59 10.87 3.10 -3.15
N ALA D 60 10.23 2.05 -3.67
CA ALA D 60 8.77 2.06 -3.80
C ALA D 60 8.11 2.14 -2.43
N VAL D 61 8.60 1.38 -1.46
CA VAL D 61 8.00 1.39 -0.13
C VAL D 61 8.16 2.75 0.52
N ARG D 62 9.36 3.35 0.40
CA ARG D 62 9.56 4.68 0.98
C ARG D 62 8.62 5.70 0.35
N ALA D 63 8.52 5.70 -0.98
CA ALA D 63 7.67 6.66 -1.66
C ALA D 63 6.20 6.44 -1.29
N GLY D 64 5.77 5.19 -1.24
CA GLY D 64 4.38 4.91 -0.90
C GLY D 64 4.02 5.33 0.52
N ALA D 65 4.91 5.04 1.47
CA ALA D 65 4.68 5.47 2.85
C ALA D 65 4.59 7.00 2.92
N ASP D 66 5.52 7.68 2.28
CA ASP D 66 5.51 9.14 2.32
C ASP D 66 4.26 9.70 1.68
N ALA D 67 3.80 9.10 0.58
CA ALA D 67 2.64 9.62 -0.12
C ALA D 67 1.35 9.37 0.65
N CYS D 68 1.17 8.17 1.19
CA CYS D 68 -0.09 7.79 1.80
C CYS D 68 -0.13 8.04 3.30
N GLU D 69 0.93 8.62 3.88
CA GLU D 69 0.88 8.98 5.29
C GLU D 69 -0.26 9.98 5.57
N ARG D 70 -0.42 10.97 4.69
CA ARG D 70 -1.38 12.04 4.95
C ARG D 70 -2.82 11.57 4.76
N VAL D 71 -3.09 10.83 3.68
CA VAL D 71 -4.47 10.54 3.29
C VAL D 71 -5.09 9.53 4.24
N GLY D 72 -6.33 9.77 4.62
CA GLY D 72 -7.08 8.82 5.42
C GLY D 72 -6.65 8.81 6.87
N ASP D 73 -6.88 7.68 7.52
CA ASP D 73 -6.50 7.51 8.91
C ASP D 73 -4.99 7.38 9.10
N GLY D 74 -4.25 7.18 8.02
CA GLY D 74 -2.80 7.26 8.06
C GLY D 74 -2.13 5.92 7.90
N LEU D 75 -0.85 5.88 8.30
CA LEU D 75 -0.01 4.71 8.21
C LEU D 75 -0.13 3.83 9.44
N VAL D 76 0.17 2.55 9.25
CA VAL D 76 0.35 1.60 10.34
C VAL D 76 1.74 0.98 10.31
N ALA D 77 2.19 0.55 9.13
CA ALA D 77 3.50 -0.06 8.98
C ALA D 77 4.00 0.15 7.56
N ALA D 78 5.32 0.13 7.42
CA ALA D 78 5.96 0.21 6.11
C ALA D 78 7.30 -0.50 6.24
N HIS D 79 7.37 -1.75 5.79
CA HIS D 79 8.51 -2.60 6.05
C HIS D 79 8.97 -3.27 4.76
N ILE D 80 10.28 -3.38 4.58
CA ILE D 80 10.89 -4.03 3.43
C ILE D 80 11.67 -5.24 3.92
N ILE D 81 11.51 -6.37 3.23
CA ILE D 81 12.28 -7.57 3.49
C ILE D 81 13.11 -7.87 2.25
N ALA D 82 14.43 -7.90 2.41
CA ALA D 82 15.32 -8.09 1.28
C ALA D 82 15.50 -9.56 0.90
N ARG D 83 15.13 -10.49 1.78
CA ARG D 83 15.30 -11.90 1.51
C ARG D 83 14.22 -12.66 2.28
N VAL D 84 13.14 -13.00 1.59
CA VAL D 84 12.05 -13.76 2.20
C VAL D 84 12.45 -15.22 2.27
N HIS D 85 12.23 -15.84 3.43
CA HIS D 85 12.53 -17.25 3.58
C HIS D 85 11.60 -18.09 2.69
N SER D 86 12.10 -19.24 2.26
CA SER D 86 11.33 -20.09 1.36
C SER D 86 10.04 -20.57 2.02
N GLU D 87 10.09 -20.87 3.31
CA GLU D 87 8.90 -21.34 4.01
C GLU D 87 7.85 -20.23 4.11
N VAL D 88 8.29 -18.99 4.27
CA VAL D 88 7.36 -17.87 4.41
C VAL D 88 6.58 -17.65 3.12
N GLU D 89 7.16 -18.01 1.98
CA GLU D 89 6.50 -17.76 0.70
C GLU D 89 5.15 -18.45 0.59
N ASN D 90 4.90 -19.49 1.40
CA ASN D 90 3.63 -20.20 1.32
C ASN D 90 2.45 -19.36 1.77
N ILE D 91 2.68 -18.31 2.55
CA ILE D 91 1.60 -17.46 3.04
C ILE D 91 1.53 -16.13 2.29
N LEU D 92 2.35 -15.94 1.27
CA LEU D 92 2.37 -14.71 0.51
C LEU D 92 1.56 -14.89 -0.77
N PRO D 93 0.50 -14.13 -0.98
CA PRO D 93 -0.29 -14.28 -2.20
C PRO D 93 0.51 -13.90 -3.43
N LYS D 94 0.20 -14.55 -4.56
CA LYS D 94 0.92 -14.34 -5.80
C LYS D 94 0.15 -13.47 -6.80
N ALA D 95 -1.17 -13.44 -6.73
CA ALA D 95 -1.97 -12.64 -7.66
C ALA D 95 -3.04 -11.88 -6.89
N PRO D 96 -3.26 -10.61 -7.23
CA PRO D 96 -4.29 -9.83 -6.53
C PRO D 96 -5.68 -10.32 -6.86
N GLN D 97 -6.61 -10.09 -5.93
CA GLN D 97 -8.01 -10.45 -6.12
C GLN D 97 -8.90 -9.21 -6.10
#